data_5U83
#
_entry.id   5U83
#
_cell.length_a   38.540
_cell.length_b   89.072
_cell.length_c   54.526
_cell.angle_alpha   90.000
_cell.angle_beta   98.650
_cell.angle_gamma   90.000
#
_symmetry.space_group_name_H-M   'P 1 21 1'
#
loop_
_entity.id
_entity.type
_entity.pdbx_description
1 polymer 'Alkylmercury lyase'
2 non-polymer 'Trimethyltin chloride'
3 non-polymer 'ACETATE ION'
4 non-polymer 'BROMIDE ION'
5 water water
#
_entity_poly.entity_id   1
_entity_poly.type   'polypeptide(L)'
_entity_poly.pdbx_seq_one_letter_code
;MKLAPYILELLTSVNRTNGTADLLVPLLRELAKGRPVSRTTLAGILDWPAERVAAVLEQATSTEYDKDGNIIGYGLTLRE
TSYVFEIDDRRLYAWCALDTLIFPALIGRTARVSSHCAATGAPVSLTVSPSEIQAVEPAGMAVSLVLPQEAADVRQSFCC
HVHFFASVPTAEDWASKHQGLEGLAIVSVHEAFGLGQEFNRHLLQTMSSRTP
;
_entity_poly.pdbx_strand_id   A,B
#
# COMPACT_ATOMS: atom_id res chain seq x y z
N MET A 1 21.67 11.32 15.01
CA MET A 1 22.31 10.05 15.46
C MET A 1 23.23 9.50 14.35
N LYS A 2 23.58 8.22 14.48
CA LYS A 2 24.52 7.55 13.60
C LYS A 2 23.72 6.73 12.59
N LEU A 3 23.71 7.16 11.32
CA LEU A 3 22.81 6.51 10.38
C LEU A 3 23.51 5.54 9.43
N ALA A 4 24.79 5.24 9.67
CA ALA A 4 25.51 4.25 8.86
C ALA A 4 24.77 2.91 8.69
N PRO A 5 24.11 2.38 9.76
CA PRO A 5 23.47 1.06 9.56
C PRO A 5 22.34 1.14 8.52
N TYR A 6 21.66 2.27 8.46
CA TYR A 6 20.54 2.44 7.51
C TYR A 6 21.08 2.58 6.08
N ILE A 7 22.12 3.38 5.93
CA ILE A 7 22.77 3.58 4.65
C ILE A 7 23.31 2.24 4.14
N LEU A 8 23.98 1.51 5.02
CA LEU A 8 24.53 0.23 4.65
C LEU A 8 23.48 -0.75 4.16
N GLU A 9 22.37 -0.88 4.87
CA GLU A 9 21.41 -1.89 4.46
C GLU A 9 20.63 -1.45 3.24
N LEU A 10 20.40 -0.15 3.08
CA LEU A 10 19.74 0.34 1.87
C LEU A 10 20.61 0.04 0.64
N LEU A 11 21.90 0.35 0.72
CA LEU A 11 22.80 0.06 -0.39
C LEU A 11 22.90 -1.45 -0.64
N THR A 12 22.93 -2.25 0.43
CA THR A 12 23.03 -3.69 0.26
C THR A 12 21.80 -4.17 -0.48
N SER A 13 20.64 -3.60 -0.15
CA SER A 13 19.39 -3.99 -0.81
C SER A 13 19.45 -3.72 -2.33
N VAL A 14 20.01 -2.60 -2.76
CA VAL A 14 20.08 -2.34 -4.20
C VAL A 14 21.23 -3.05 -4.88
N ASN A 15 22.29 -3.35 -4.13
CA ASN A 15 23.49 -3.96 -4.69
C ASN A 15 23.46 -5.49 -4.70
N ARG A 16 22.45 -6.03 -4.03
CA ARG A 16 22.12 -7.45 -4.02
C ARG A 16 22.16 -8.04 -5.41
N THR A 17 22.53 -9.32 -5.50
CA THR A 17 22.38 -10.07 -6.74
C THR A 17 20.99 -9.80 -7.33
N ASN A 18 20.96 -9.43 -8.62
CA ASN A 18 19.72 -9.08 -9.32
C ASN A 18 18.97 -7.89 -8.67
N GLY A 19 19.69 -7.11 -7.87
CA GLY A 19 19.12 -5.89 -7.30
C GLY A 19 18.95 -4.75 -8.30
N THR A 20 18.36 -3.65 -7.85
CA THR A 20 17.98 -2.56 -8.74
C THR A 20 19.06 -1.51 -9.00
N ALA A 21 20.21 -1.58 -8.32
CA ALA A 21 21.27 -0.55 -8.39
C ALA A 21 21.43 0.16 -9.75
N ASP A 22 21.53 -0.58 -10.84
CA ASP A 22 21.85 0.06 -12.13
C ASP A 22 20.63 0.42 -12.98
N LEU A 23 19.50 -0.12 -12.60
CA LEU A 23 18.28 0.14 -13.35
C LEU A 23 17.50 1.28 -12.67
N LEU A 24 17.80 1.57 -11.41
CA LEU A 24 16.97 2.47 -10.60
C LEU A 24 16.93 3.90 -11.13
N VAL A 25 18.08 4.52 -11.38
CA VAL A 25 18.06 5.92 -11.73
C VAL A 25 17.43 6.10 -13.13
N PRO A 26 17.79 5.28 -14.14
CA PRO A 26 17.12 5.43 -15.44
C PRO A 26 15.59 5.24 -15.36
N LEU A 27 15.16 4.25 -14.59
CA LEU A 27 13.70 4.04 -14.41
C LEU A 27 13.02 5.24 -13.72
N LEU A 28 13.62 5.79 -12.67
CA LEU A 28 13.01 6.93 -11.96
C LEU A 28 12.89 8.13 -12.90
N ARG A 29 13.91 8.35 -13.73
CA ARG A 29 13.88 9.48 -14.67
C ARG A 29 12.79 9.29 -15.70
N GLU A 30 12.58 8.05 -16.12
CA GLU A 30 11.46 7.77 -17.02
C GLU A 30 10.09 7.93 -16.35
N LEU A 31 9.90 7.36 -15.16
CA LEU A 31 8.64 7.55 -14.44
C LEU A 31 8.34 9.01 -14.15
N ALA A 32 9.39 9.80 -13.99
CA ALA A 32 9.21 11.21 -13.64
C ALA A 32 8.45 11.98 -14.72
N LYS A 33 8.47 11.45 -15.95
CA LYS A 33 7.69 12.02 -17.05
C LYS A 33 6.17 11.90 -16.86
N GLY A 34 5.74 11.00 -15.98
CA GLY A 34 4.35 10.90 -15.62
C GLY A 34 3.54 9.90 -16.42
N ARG A 35 4.21 9.12 -17.27
CA ARG A 35 3.53 8.12 -18.08
C ARG A 35 4.05 6.70 -17.77
N PRO A 36 3.21 5.70 -17.99
CA PRO A 36 3.74 4.34 -17.82
C PRO A 36 4.94 4.05 -18.73
N VAL A 37 5.81 3.19 -18.21
CA VAL A 37 7.09 2.85 -18.84
C VAL A 37 7.13 1.38 -19.24
N SER A 38 7.35 1.15 -20.52
CA SER A 38 7.37 -0.19 -21.06
C SER A 38 8.69 -0.89 -20.66
N ARG A 39 8.64 -2.19 -20.36
CA ARG A 39 9.87 -2.99 -20.09
C ARG A 39 10.80 -2.97 -21.27
N THR A 40 10.20 -3.07 -22.44
CA THR A 40 10.99 -3.10 -23.66
C THR A 40 11.67 -1.74 -23.84
N THR A 41 10.91 -0.68 -23.58
CA THR A 41 11.45 0.68 -23.57
C THR A 41 12.62 0.79 -22.57
N LEU A 42 12.43 0.27 -21.36
CA LEU A 42 13.47 0.36 -20.37
C LEU A 42 14.76 -0.36 -20.81
N ALA A 43 14.62 -1.56 -21.39
CA ALA A 43 15.76 -2.34 -21.87
C ALA A 43 16.60 -1.53 -22.85
N GLY A 44 15.92 -0.77 -23.70
CA GLY A 44 16.60 0.01 -24.70
C GLY A 44 17.37 1.18 -24.11
N ILE A 45 16.79 1.80 -23.08
CA ILE A 45 17.38 2.95 -22.40
C ILE A 45 18.64 2.50 -21.67
N LEU A 46 18.58 1.31 -21.08
CA LEU A 46 19.73 0.70 -20.38
C LEU A 46 20.74 0.03 -21.31
N ASP A 47 20.32 -0.35 -22.52
CA ASP A 47 21.09 -1.24 -23.41
C ASP A 47 21.36 -2.58 -22.74
N TRP A 48 20.30 -3.21 -22.24
CA TRP A 48 20.34 -4.55 -21.65
C TRP A 48 19.53 -5.52 -22.47
N PRO A 49 19.91 -6.81 -22.45
CA PRO A 49 18.96 -7.81 -22.95
C PRO A 49 17.69 -7.85 -22.08
N ALA A 50 16.56 -8.17 -22.70
CA ALA A 50 15.28 -8.21 -22.01
C ALA A 50 15.31 -9.15 -20.83
N GLU A 51 16.16 -10.17 -20.97
CA GLU A 51 16.37 -11.20 -19.95
C GLU A 51 16.84 -10.55 -18.64
N ARG A 52 17.74 -9.59 -18.78
CA ARG A 52 18.38 -8.98 -17.62
C ARG A 52 17.38 -8.03 -16.95
N VAL A 53 16.63 -7.27 -17.75
CA VAL A 53 15.60 -6.39 -17.18
C VAL A 53 14.58 -7.21 -16.39
N ALA A 54 14.17 -8.33 -16.96
CA ALA A 54 13.16 -9.17 -16.34
C ALA A 54 13.60 -9.77 -15.03
N ALA A 55 14.84 -10.28 -14.98
CA ALA A 55 15.34 -10.88 -13.75
C ALA A 55 15.40 -9.86 -12.61
N VAL A 56 15.81 -8.64 -12.92
CA VAL A 56 15.81 -7.56 -11.92
C VAL A 56 14.40 -7.24 -11.48
N LEU A 57 13.50 -7.00 -12.43
CA LEU A 57 12.15 -6.65 -12.07
C LEU A 57 11.46 -7.81 -11.34
N GLU A 58 11.81 -9.02 -11.71
CA GLU A 58 11.25 -10.21 -11.06
C GLU A 58 11.59 -10.24 -9.59
N GLN A 59 12.83 -9.90 -9.27
CA GLN A 59 13.29 -9.86 -7.87
C GLN A 59 12.62 -8.70 -7.13
N ALA A 60 12.38 -7.61 -7.84
CA ALA A 60 11.70 -6.46 -7.25
C ALA A 60 10.17 -6.67 -7.25
N THR A 61 9.67 -7.45 -6.30
CA THR A 61 8.27 -7.95 -6.35
C THR A 61 7.22 -6.87 -6.05
N SER A 62 7.69 -5.75 -5.51
CA SER A 62 6.86 -4.58 -5.26
C SER A 62 6.57 -3.73 -6.50
N THR A 63 7.29 -3.98 -7.59
CA THR A 63 7.07 -3.16 -8.80
C THR A 63 5.60 -3.13 -9.19
N GLU A 64 5.10 -1.94 -9.49
CA GLU A 64 3.70 -1.80 -9.87
C GLU A 64 3.53 -1.71 -11.37
N TYR A 65 2.53 -2.46 -11.88
CA TYR A 65 2.16 -2.45 -13.30
C TYR A 65 0.74 -2.01 -13.53
N ASP A 66 0.46 -1.49 -14.72
CA ASP A 66 -0.88 -1.12 -15.13
C ASP A 66 -1.52 -2.20 -15.99
N LYS A 67 -2.72 -1.90 -16.47
CA LYS A 67 -3.54 -2.87 -17.16
C LYS A 67 -2.92 -3.36 -18.47
N ASP A 68 -1.95 -2.60 -18.96
CA ASP A 68 -1.27 -2.91 -20.21
C ASP A 68 0.04 -3.62 -19.96
N GLY A 69 0.37 -3.78 -18.68
CA GLY A 69 1.60 -4.44 -18.31
C GLY A 69 2.81 -3.50 -18.29
N ASN A 70 2.55 -2.21 -18.37
CA ASN A 70 3.64 -1.23 -18.28
C ASN A 70 3.97 -0.89 -16.84
N ILE A 71 5.21 -0.48 -16.58
CA ILE A 71 5.65 -0.16 -15.20
C ILE A 71 5.04 1.19 -14.83
N ILE A 72 4.34 1.28 -13.70
CA ILE A 72 3.84 2.60 -13.23
C ILE A 72 4.38 2.97 -11.86
N GLY A 73 5.15 2.09 -11.22
CA GLY A 73 5.67 2.40 -9.89
C GLY A 73 6.85 1.56 -9.48
N TYR A 74 7.90 2.26 -9.03
CA TYR A 74 8.99 1.66 -8.31
C TYR A 74 9.63 2.78 -7.50
N GLY A 75 9.18 2.91 -6.25
CA GLY A 75 9.56 4.00 -5.38
C GLY A 75 8.80 5.27 -5.71
N LEU A 76 9.00 5.76 -6.92
CA LEU A 76 8.21 6.79 -7.52
C LEU A 76 7.07 6.12 -8.29
N THR A 77 5.84 6.60 -8.12
CA THR A 77 4.72 5.90 -8.70
C THR A 77 3.61 6.82 -9.15
N LEU A 78 2.88 6.34 -10.16
CA LEU A 78 1.70 7.02 -10.66
C LEU A 78 0.43 6.65 -9.88
N ARG A 79 0.52 5.64 -9.02
CA ARG A 79 -0.60 5.17 -8.23
C ARG A 79 -0.59 5.87 -6.87
N GLU A 80 -1.74 6.43 -6.48
CA GLU A 80 -1.85 7.23 -5.27
C GLU A 80 -1.32 6.57 -4.00
N THR A 81 -0.51 7.32 -3.24
CA THR A 81 -0.08 6.94 -1.91
C THR A 81 -0.31 8.13 -0.96
N SER A 82 0.18 7.96 0.26
CA SER A 82 0.17 9.01 1.28
C SER A 82 1.23 10.10 1.07
N TYR A 83 2.14 9.88 0.13
CA TYR A 83 3.29 10.73 -0.10
C TYR A 83 3.19 11.35 -1.48
N VAL A 84 2.73 12.58 -1.54
CA VAL A 84 2.57 13.33 -2.78
C VAL A 84 3.86 13.95 -3.17
N PHE A 85 4.21 13.78 -4.43
CA PHE A 85 5.50 14.21 -5.01
C PHE A 85 5.18 14.98 -6.31
N GLU A 86 5.08 16.31 -6.22
CA GLU A 86 4.63 17.12 -7.33
C GLU A 86 5.83 17.75 -8.03
N ILE A 87 6.00 17.44 -9.33
CA ILE A 87 7.06 18.01 -10.17
C ILE A 87 6.42 18.76 -11.34
N ASP A 88 6.79 20.02 -11.56
CA ASP A 88 6.25 20.80 -12.69
C ASP A 88 4.73 20.65 -12.86
N ASP A 89 4.01 20.75 -11.74
CA ASP A 89 2.54 20.61 -11.71
C ASP A 89 1.99 19.24 -12.17
N ARG A 90 2.87 18.24 -12.31
CA ARG A 90 2.47 16.84 -12.39
C ARG A 90 2.48 16.22 -10.99
N ARG A 91 1.34 15.69 -10.60
CA ARG A 91 1.25 15.07 -9.30
C ARG A 91 1.64 13.60 -9.43
N LEU A 92 2.79 13.26 -8.87
CA LEU A 92 3.19 11.86 -8.75
C LEU A 92 3.17 11.50 -7.26
N TYR A 93 3.52 10.26 -6.94
CA TYR A 93 3.52 9.76 -5.57
C TYR A 93 4.78 8.99 -5.25
N ALA A 94 5.02 8.78 -3.96
CA ALA A 94 6.20 8.03 -3.52
C ALA A 94 5.78 6.96 -2.51
N TRP A 95 6.61 5.93 -2.38
CA TRP A 95 6.29 4.85 -1.50
C TRP A 95 6.54 5.14 -0.01
N CYS A 96 7.40 6.10 0.30
CA CYS A 96 7.68 6.45 1.69
C CYS A 96 8.34 7.80 1.81
N ALA A 97 8.48 8.26 3.04
CA ALA A 97 8.95 9.62 3.29
C ALA A 97 10.38 9.78 2.78
N LEU A 98 11.22 8.78 3.01
CA LEU A 98 12.63 8.91 2.61
C LEU A 98 12.77 8.97 1.09
N ASP A 99 11.94 8.20 0.37
CA ASP A 99 11.89 8.28 -1.11
C ASP A 99 11.71 9.70 -1.62
N THR A 100 10.80 10.47 -1.00
CA THR A 100 10.59 11.86 -1.41
C THR A 100 11.81 12.77 -1.26
N LEU A 101 12.69 12.38 -0.33
CA LEU A 101 13.88 13.16 -0.02
C LEU A 101 15.03 12.78 -0.99
N ILE A 102 15.00 11.53 -1.46
CA ILE A 102 16.05 10.93 -2.30
C ILE A 102 15.89 11.31 -3.77
N PHE A 103 14.65 11.25 -4.27
CA PHE A 103 14.44 11.28 -5.70
C PHE A 103 14.84 12.60 -6.40
N PRO A 104 14.61 13.78 -5.79
CA PRO A 104 14.95 15.01 -6.52
C PRO A 104 16.38 15.04 -7.04
N ALA A 105 17.38 14.59 -6.25
CA ALA A 105 18.75 14.59 -6.75
C ALA A 105 18.98 13.61 -7.89
N LEU A 106 18.22 12.53 -7.91
CA LEU A 106 18.38 11.47 -8.92
C LEU A 106 17.72 11.84 -10.24
N ILE A 107 16.62 12.60 -10.18
CA ILE A 107 15.94 12.98 -11.42
C ILE A 107 16.22 14.41 -11.83
N GLY A 108 16.94 15.16 -10.99
CA GLY A 108 17.34 16.53 -11.29
C GLY A 108 16.19 17.49 -11.39
N ARG A 109 15.24 17.35 -10.47
CA ARG A 109 14.05 18.22 -10.43
C ARG A 109 13.77 18.61 -8.98
N THR A 110 13.13 19.75 -8.79
CA THR A 110 12.62 20.14 -7.48
C THR A 110 11.17 19.69 -7.36
N ALA A 111 10.84 19.12 -6.21
CA ALA A 111 9.53 18.55 -5.93
C ALA A 111 8.85 19.28 -4.78
N ARG A 112 7.54 19.47 -4.91
CA ARG A 112 6.71 19.92 -3.79
C ARG A 112 6.11 18.68 -3.18
N VAL A 113 6.57 18.37 -1.98
CA VAL A 113 6.21 17.16 -1.29
C VAL A 113 5.15 17.45 -0.22
N SER A 114 4.15 16.59 -0.11
CA SER A 114 3.15 16.75 0.96
C SER A 114 2.65 15.41 1.43
N SER A 115 2.24 15.39 2.68
CA SER A 115 1.76 14.15 3.29
C SER A 115 0.95 14.51 4.52
N HIS A 116 0.72 13.53 5.39
CA HIS A 116 0.14 13.77 6.72
C HIS A 116 0.97 13.02 7.78
N CYS A 117 1.09 13.67 8.93
CA CYS A 117 1.71 13.05 10.08
C CYS A 117 1.09 11.69 10.37
N ALA A 118 1.96 10.69 10.54
CA ALA A 118 1.48 9.35 10.76
C ALA A 118 0.90 9.16 12.15
N ALA A 119 1.21 10.09 13.06
CA ALA A 119 0.79 9.98 14.47
C ALA A 119 -0.46 10.81 14.73
N THR A 120 -0.64 11.90 14.00
CA THR A 120 -1.72 12.86 14.34
C THR A 120 -2.61 13.29 13.19
N GLY A 121 -2.22 12.97 11.96
CA GLY A 121 -2.95 13.36 10.79
C GLY A 121 -2.72 14.78 10.30
N ALA A 122 -1.86 15.52 10.99
CA ALA A 122 -1.55 16.92 10.61
C ALA A 122 -0.95 16.99 9.22
N PRO A 123 -1.39 17.94 8.40
CA PRO A 123 -0.72 18.09 7.10
C PRO A 123 0.72 18.52 7.26
N VAL A 124 1.57 17.97 6.41
CA VAL A 124 2.98 18.32 6.37
C VAL A 124 3.39 18.56 4.92
N SER A 125 4.33 19.49 4.71
CA SER A 125 4.82 19.77 3.37
C SER A 125 6.20 20.35 3.41
N LEU A 126 6.90 20.19 2.29
CA LEU A 126 8.19 20.79 2.13
C LEU A 126 8.58 20.76 0.65
N THR A 127 9.56 21.58 0.31
CA THR A 127 10.09 21.63 -1.05
C THR A 127 11.46 20.98 -1.03
N VAL A 128 11.65 19.98 -1.89
CA VAL A 128 12.88 19.20 -1.88
C VAL A 128 13.58 19.36 -3.23
N SER A 129 14.80 19.89 -3.19
CA SER A 129 15.61 20.08 -4.39
CA SER A 129 15.59 20.06 -4.43
C SER A 129 16.74 19.07 -4.38
N PRO A 130 17.53 19.02 -5.45
CA PRO A 130 18.65 18.07 -5.41
C PRO A 130 19.65 18.33 -4.26
N SER A 131 19.78 19.57 -3.81
CA SER A 131 20.79 19.94 -2.85
C SER A 131 20.30 20.32 -1.46
N GLU A 132 19.00 20.61 -1.33
CA GLU A 132 18.52 21.19 -0.08
C GLU A 132 17.02 21.01 0.07
N ILE A 133 16.56 21.16 1.31
CA ILE A 133 15.12 21.28 1.57
C ILE A 133 14.78 22.70 2.04
N GLN A 134 13.58 23.11 1.66
CA GLN A 134 13.06 24.45 1.94
C GLN A 134 11.59 24.39 2.31
N ALA A 135 11.08 25.51 2.84
CA ALA A 135 9.65 25.60 3.16
C ALA A 135 9.16 24.39 3.97
N VAL A 136 9.91 24.01 4.99
CA VAL A 136 9.55 22.86 5.82
C VAL A 136 8.44 23.26 6.78
N GLU A 137 7.25 22.72 6.52
CA GLU A 137 6.06 23.14 7.25
C GLU A 137 5.36 21.94 7.81
N PRO A 138 5.40 21.76 9.14
CA PRO A 138 6.00 22.63 10.16
C PRO A 138 7.48 22.34 10.30
N ALA A 139 8.18 23.30 10.90
CA ALA A 139 9.63 23.30 10.86
C ALA A 139 10.29 22.13 11.60
N GLY A 140 9.58 21.57 12.57
CA GLY A 140 10.15 20.48 13.36
C GLY A 140 9.85 19.08 12.80
N MET A 141 9.41 19.03 11.56
CA MET A 141 9.02 17.75 10.91
C MET A 141 10.07 16.67 11.12
N ALA A 142 9.58 15.48 11.37
CA ALA A 142 10.38 14.30 11.65
C ALA A 142 10.06 13.15 10.71
N VAL A 143 10.94 12.16 10.72
CA VAL A 143 10.83 10.97 9.86
C VAL A 143 11.15 9.75 10.71
N SER A 144 10.41 8.67 10.51
CA SER A 144 10.76 7.37 11.11
C SER A 144 11.62 6.54 10.16
N LEU A 145 12.56 5.80 10.73
CA LEU A 145 13.41 4.88 9.98
C LEU A 145 13.36 3.51 10.63
N VAL A 146 13.45 2.46 9.81
CA VAL A 146 13.66 1.10 10.32
C VAL A 146 14.82 0.51 9.56
N LEU A 147 15.35 -0.62 10.01
CA LEU A 147 16.40 -1.29 9.27
C LEU A 147 15.84 -2.19 8.18
N PRO A 148 16.24 -1.98 6.91
CA PRO A 148 15.87 -2.96 5.88
C PRO A 148 16.35 -4.36 6.26
N GLN A 149 15.63 -5.39 5.87
CA GLN A 149 15.93 -6.78 6.27
C GLN A 149 16.57 -7.54 5.11
N GLU A 150 17.45 -8.47 5.44
CA GLU A 150 18.18 -9.22 4.41
C GLU A 150 17.23 -9.85 3.41
N ALA A 151 17.48 -9.53 2.14
CA ALA A 151 16.81 -10.17 1.01
C ALA A 151 15.31 -9.82 0.91
N ALA A 152 14.79 -9.04 1.85
CA ALA A 152 13.36 -8.71 1.84
C ALA A 152 13.00 -7.61 0.83
N ASP A 153 11.77 -7.65 0.33
CA ASP A 153 11.24 -6.59 -0.57
C ASP A 153 11.23 -5.29 0.20
N VAL A 154 11.70 -4.21 -0.42
CA VAL A 154 11.88 -2.98 0.33
C VAL A 154 10.53 -2.36 0.69
N ARG A 155 9.45 -2.64 -0.03
CA ARG A 155 8.22 -1.91 0.29
C ARG A 155 7.51 -2.34 1.58
N GLN A 156 7.32 -3.64 1.79
CA GLN A 156 6.71 -4.09 3.05
C GLN A 156 7.70 -4.12 4.24
N SER A 157 9.00 -4.16 4.01
CA SER A 157 9.94 -4.26 5.13
C SER A 157 10.46 -2.91 5.60
N PHE A 158 10.47 -1.94 4.70
CA PHE A 158 11.07 -0.65 5.00
C PHE A 158 10.04 0.45 4.73
N CYS A 159 9.59 0.57 3.48
CA CYS A 159 8.84 1.77 3.10
C CYS A 159 7.59 1.98 3.95
N CYS A 160 6.88 0.90 4.28
CA CYS A 160 5.60 1.06 4.96
C CYS A 160 5.77 1.50 6.41
N HIS A 161 7.01 1.60 6.90
CA HIS A 161 7.25 2.08 8.26
C HIS A 161 7.99 3.41 8.31
N VAL A 162 8.21 3.99 7.15
CA VAL A 162 9.03 5.21 7.00
C VAL A 162 8.10 6.38 6.63
N HIS A 163 7.70 7.11 7.68
CA HIS A 163 6.63 8.11 7.63
C HIS A 163 7.15 9.51 7.95
N PHE A 164 6.39 10.53 7.59
CA PHE A 164 6.56 11.88 8.14
C PHE A 164 5.73 12.03 9.43
N PHE A 165 6.26 12.83 10.34
CA PHE A 165 5.58 13.24 11.57
C PHE A 165 5.67 14.75 11.75
N ALA A 166 4.73 15.31 12.50
CA ALA A 166 4.66 16.75 12.66
C ALA A 166 5.82 17.29 13.46
N SER A 167 6.33 16.48 14.39
CA SER A 167 7.45 16.89 15.18
C SER A 167 8.18 15.67 15.70
N VAL A 168 9.40 15.89 16.17
CA VAL A 168 10.17 14.83 16.81
C VAL A 168 9.49 14.32 18.10
N PRO A 169 9.03 15.21 19.01
CA PRO A 169 8.37 14.65 20.21
C PRO A 169 7.13 13.80 19.89
N THR A 170 6.31 14.24 18.93
CA THR A 170 5.15 13.49 18.50
C THR A 170 5.58 12.14 17.95
N ALA A 171 6.60 12.15 17.10
CA ALA A 171 7.11 10.92 16.51
C ALA A 171 7.69 9.96 17.57
N GLU A 172 8.38 10.50 18.57
CA GLU A 172 8.94 9.65 19.62
C GLU A 172 7.82 9.00 20.47
N ASP A 173 6.74 9.73 20.72
CA ASP A 173 5.58 9.17 21.41
C ASP A 173 5.00 8.00 20.60
N TRP A 174 4.83 8.23 19.31
CA TRP A 174 4.39 7.15 18.43
C TRP A 174 5.37 5.97 18.46
N ALA A 175 6.66 6.25 18.38
CA ALA A 175 7.66 5.20 18.28
C ALA A 175 7.66 4.33 19.55
N SER A 176 7.32 4.93 20.68
CA SER A 176 7.28 4.18 21.94
C SER A 176 6.24 3.05 21.94
N LYS A 177 5.25 3.13 21.06
CA LYS A 177 4.24 2.06 20.90
C LYS A 177 4.56 1.03 19.81
N HIS A 178 5.68 1.20 19.14
CA HIS A 178 6.04 0.35 17.98
C HIS A 178 7.48 -0.19 18.07
N GLN A 179 7.93 -0.49 19.28
CA GLN A 179 9.33 -0.91 19.47
C GLN A 179 9.62 -2.31 18.91
N GLY A 180 8.58 -3.01 18.44
CA GLY A 180 8.74 -4.26 17.74
C GLY A 180 9.33 -4.14 16.34
N LEU A 181 9.32 -2.93 15.80
CA LEU A 181 9.95 -2.70 14.48
C LEU A 181 11.49 -2.71 14.57
N GLU A 182 12.17 -3.41 13.67
CA GLU A 182 13.60 -3.58 13.84
C GLU A 182 14.34 -2.27 13.52
N GLY A 183 15.10 -1.80 14.50
CA GLY A 183 15.95 -0.63 14.29
C GLY A 183 15.12 0.64 14.16
N LEU A 184 13.95 0.67 14.77
CA LEU A 184 13.11 1.87 14.72
C LEU A 184 13.82 3.06 15.34
N ALA A 185 13.81 4.17 14.61
CA ALA A 185 14.47 5.38 15.03
C ALA A 185 13.71 6.57 14.45
N ILE A 186 13.70 7.64 15.22
CA ILE A 186 13.14 8.94 14.84
C ILE A 186 14.27 9.91 14.60
N VAL A 187 14.23 10.58 13.45
CA VAL A 187 15.17 11.64 13.10
C VAL A 187 14.43 12.86 12.57
N SER A 188 15.05 14.03 12.60
CA SER A 188 14.45 15.19 11.96
C SER A 188 14.44 15.00 10.46
N VAL A 189 13.57 15.73 9.77
CA VAL A 189 13.55 15.63 8.33
C VAL A 189 14.90 16.04 7.72
N HIS A 190 15.60 16.99 8.33
CA HIS A 190 16.97 17.31 7.91
C HIS A 190 17.97 16.16 8.00
N GLU A 191 17.97 15.44 9.11
CA GLU A 191 18.78 14.25 9.26
C GLU A 191 18.42 13.20 8.21
N ALA A 192 17.13 13.04 7.96
CA ALA A 192 16.70 12.09 6.95
C ALA A 192 17.16 12.52 5.56
N PHE A 193 17.14 13.83 5.28
CA PHE A 193 17.58 14.34 3.98
C PHE A 193 19.07 14.03 3.82
N GLY A 194 19.83 14.19 4.91
CA GLY A 194 21.24 13.83 4.91
C GLY A 194 21.49 12.36 4.63
N LEU A 195 20.66 11.48 5.21
CA LEU A 195 20.74 10.05 4.92
C LEU A 195 20.55 9.80 3.43
N GLY A 196 19.53 10.46 2.85
CA GLY A 196 19.26 10.34 1.44
C GLY A 196 20.43 10.82 0.60
N GLN A 197 21.13 11.84 1.06
CA GLN A 197 22.25 12.36 0.30
C GLN A 197 23.39 11.34 0.26
N GLU A 198 23.58 10.68 1.39
CA GLU A 198 24.62 9.66 1.48
C GLU A 198 24.31 8.45 0.60
N PHE A 199 23.05 8.00 0.65
CA PHE A 199 22.61 6.95 -0.24
C PHE A 199 22.85 7.31 -1.69
N ASN A 200 22.43 8.51 -2.09
CA ASN A 200 22.60 8.93 -3.47
C ASN A 200 24.09 9.01 -3.89
N ARG A 201 24.95 9.48 -3.01
CA ARG A 201 26.37 9.63 -3.33
C ARG A 201 26.94 8.28 -3.69
N HIS A 202 26.61 7.30 -2.84
CA HIS A 202 27.08 5.95 -3.05
C HIS A 202 26.46 5.34 -4.29
N LEU A 203 25.16 5.56 -4.50
CA LEU A 203 24.48 5.06 -5.68
C LEU A 203 25.12 5.60 -6.97
N LEU A 204 25.29 6.92 -7.05
CA LEU A 204 25.81 7.57 -8.25
C LEU A 204 27.27 7.19 -8.51
N GLN A 205 28.02 6.92 -7.43
CA GLN A 205 29.37 6.32 -7.50
C GLN A 205 29.37 5.10 -8.35
N THR A 206 28.60 4.13 -7.87
CA THR A 206 28.69 2.77 -8.37
C THR A 206 28.14 2.67 -9.79
N MET A 207 27.27 3.61 -10.14
CA MET A 207 26.61 3.53 -11.43
C MET A 207 27.56 3.58 -12.61
N SER A 208 27.46 2.53 -13.43
CA SER A 208 28.29 2.35 -14.63
C SER A 208 28.07 3.47 -15.63
N MET B 1 -22.83 0.38 17.13
CA MET B 1 -23.30 1.69 16.57
C MET B 1 -24.13 1.48 15.30
N LYS B 2 -24.48 2.60 14.67
CA LYS B 2 -25.25 2.60 13.44
C LYS B 2 -24.32 2.53 12.23
N LEU B 3 -24.30 1.37 11.56
CA LEU B 3 -23.32 1.17 10.49
C LEU B 3 -23.92 1.29 9.08
N ALA B 4 -25.19 1.63 8.96
CA ALA B 4 -25.77 1.82 7.62
C ALA B 4 -25.02 2.82 6.73
N PRO B 5 -24.50 3.92 7.30
CA PRO B 5 -23.75 4.83 6.41
C PRO B 5 -22.52 4.18 5.77
N TYR B 6 -21.88 3.27 6.50
CA TYR B 6 -20.69 2.60 5.98
C TYR B 6 -21.10 1.59 4.91
N ILE B 7 -22.16 0.85 5.20
CA ILE B 7 -22.66 -0.12 4.22
C ILE B 7 -23.07 0.56 2.93
N LEU B 8 -23.83 1.65 3.05
CA LEU B 8 -24.26 2.42 1.89
C LEU B 8 -23.08 2.91 1.05
N GLU B 9 -22.07 3.51 1.69
CA GLU B 9 -21.02 4.07 0.89
C GLU B 9 -20.11 2.96 0.30
N LEU B 10 -19.94 1.83 1.01
CA LEU B 10 -19.21 0.71 0.40
C LEU B 10 -19.92 0.17 -0.84
N LEU B 11 -21.23 0.05 -0.75
CA LEU B 11 -22.00 -0.48 -1.86
C LEU B 11 -21.97 0.50 -3.01
N THR B 12 -21.97 1.79 -2.70
CA THR B 12 -21.99 2.82 -3.74
C THR B 12 -20.82 2.61 -4.70
N SER B 13 -19.67 2.32 -4.12
CA SER B 13 -18.47 2.15 -4.92
C SER B 13 -18.56 0.97 -5.88
N VAL B 14 -19.48 0.03 -5.65
CA VAL B 14 -19.62 -1.14 -6.53
C VAL B 14 -20.89 -1.09 -7.38
N ASN B 15 -21.86 -0.27 -7.01
CA ASN B 15 -23.05 -0.10 -7.84
C ASN B 15 -22.89 1.03 -8.87
N ARG B 16 -21.81 1.79 -8.80
CA ARG B 16 -21.67 2.94 -9.69
C ARG B 16 -21.39 2.53 -11.14
N THR B 17 -20.49 1.57 -11.32
CA THR B 17 -20.25 1.00 -12.66
C THR B 17 -20.99 -0.32 -12.80
N ASN B 18 -21.85 -0.43 -13.81
CA ASN B 18 -22.66 -1.63 -13.99
C ASN B 18 -21.80 -2.85 -14.24
N GLY B 19 -22.08 -3.93 -13.52
CA GLY B 19 -21.38 -5.18 -13.74
C GLY B 19 -20.27 -5.42 -12.73
N THR B 20 -19.86 -4.39 -11.99
CA THR B 20 -18.81 -4.56 -10.98
C THR B 20 -19.14 -5.65 -9.95
N ALA B 21 -20.37 -5.61 -9.45
CA ALA B 21 -20.88 -6.65 -8.57
C ALA B 21 -20.73 -8.02 -9.19
N ASP B 22 -21.11 -8.17 -10.46
CA ASP B 22 -21.08 -9.47 -11.09
C ASP B 22 -19.65 -9.97 -11.33
N LEU B 23 -18.70 -9.06 -11.46
CA LEU B 23 -17.33 -9.47 -11.75
C LEU B 23 -16.57 -9.77 -10.47
N LEU B 24 -16.92 -9.09 -9.38
CA LEU B 24 -16.19 -9.25 -8.11
C LEU B 24 -16.12 -10.69 -7.61
N VAL B 25 -17.25 -11.39 -7.57
CA VAL B 25 -17.21 -12.70 -6.92
C VAL B 25 -16.38 -13.70 -7.73
N PRO B 26 -16.61 -13.83 -9.04
CA PRO B 26 -15.75 -14.70 -9.83
C PRO B 26 -14.27 -14.30 -9.80
N LEU B 27 -13.96 -13.01 -9.76
CA LEU B 27 -12.58 -12.58 -9.67
C LEU B 27 -11.97 -13.02 -8.34
N LEU B 28 -12.68 -12.83 -7.24
CA LEU B 28 -12.16 -13.26 -5.95
C LEU B 28 -11.91 -14.76 -5.90
N ARG B 29 -12.84 -15.53 -6.46
CA ARG B 29 -12.69 -16.98 -6.50
C ARG B 29 -11.47 -17.39 -7.32
N GLU B 30 -11.19 -16.67 -8.39
CA GLU B 30 -10.03 -17.02 -9.21
C GLU B 30 -8.76 -16.60 -8.49
N LEU B 31 -8.76 -15.42 -7.88
CA LEU B 31 -7.57 -14.99 -7.16
C LEU B 31 -7.28 -15.92 -6.00
N ALA B 32 -8.34 -16.53 -5.45
CA ALA B 32 -8.16 -17.42 -4.32
C ALA B 32 -7.34 -18.65 -4.69
N LYS B 33 -7.21 -18.94 -5.99
CA LYS B 33 -6.37 -20.06 -6.45
C LYS B 33 -4.88 -19.74 -6.43
N GLY B 34 -4.54 -18.48 -6.17
CA GLY B 34 -3.17 -18.09 -5.87
C GLY B 34 -2.31 -17.73 -7.06
N ARG B 35 -2.93 -17.56 -8.23
CA ARG B 35 -2.21 -17.23 -9.47
C ARG B 35 -2.84 -16.05 -10.20
N PRO B 36 -2.07 -15.35 -11.04
CA PRO B 36 -2.66 -14.19 -11.74
C PRO B 36 -3.89 -14.59 -12.56
N VAL B 37 -4.82 -13.66 -12.71
CA VAL B 37 -6.08 -13.93 -13.38
C VAL B 37 -6.13 -13.10 -14.65
N SER B 38 -6.35 -13.75 -15.79
CA SER B 38 -6.48 -12.97 -17.02
C SER B 38 -7.89 -12.51 -17.29
N ARG B 39 -7.96 -11.43 -18.04
CA ARG B 39 -9.23 -10.90 -18.52
C ARG B 39 -9.97 -11.93 -19.36
N THR B 40 -9.27 -12.75 -20.15
CA THR B 40 -9.96 -13.78 -20.94
C THR B 40 -10.54 -14.92 -20.09
N THR B 41 -9.87 -15.25 -18.99
CA THR B 41 -10.44 -16.22 -18.06
C THR B 41 -11.73 -15.67 -17.46
N LEU B 42 -11.71 -14.41 -17.05
CA LEU B 42 -12.92 -13.80 -16.49
C LEU B 42 -14.04 -13.74 -17.49
N ALA B 43 -13.73 -13.32 -18.72
CA ALA B 43 -14.74 -13.20 -19.74
C ALA B 43 -15.46 -14.53 -19.96
N GLY B 44 -14.68 -15.61 -19.92
CA GLY B 44 -15.22 -16.94 -20.09
C GLY B 44 -16.13 -17.36 -18.95
N ILE B 45 -15.75 -17.02 -17.71
CA ILE B 45 -16.56 -17.39 -16.56
C ILE B 45 -17.90 -16.64 -16.60
N LEU B 46 -17.82 -15.36 -16.95
CA LEU B 46 -18.98 -14.48 -16.95
C LEU B 46 -19.80 -14.58 -18.23
N ASP B 47 -19.25 -15.23 -19.24
CA ASP B 47 -19.81 -15.21 -20.58
C ASP B 47 -20.06 -13.77 -21.01
N TRP B 48 -19.05 -12.92 -20.82
CA TRP B 48 -19.06 -11.55 -21.29
C TRP B 48 -18.11 -11.34 -22.45
N PRO B 49 -18.40 -10.33 -23.27
CA PRO B 49 -17.43 -9.85 -24.26
C PRO B 49 -16.23 -9.26 -23.55
N ALA B 50 -15.08 -9.33 -24.19
CA ALA B 50 -13.86 -8.80 -23.63
C ALA B 50 -13.93 -7.34 -23.24
N GLU B 51 -14.71 -6.59 -24.02
CA GLU B 51 -14.81 -5.15 -23.87
C GLU B 51 -15.50 -4.79 -22.54
N ARG B 52 -16.48 -5.59 -22.16
CA ARG B 52 -17.20 -5.36 -20.91
C ARG B 52 -16.34 -5.64 -19.69
N VAL B 53 -15.55 -6.72 -19.74
CA VAL B 53 -14.66 -7.02 -18.63
C VAL B 53 -13.67 -5.88 -18.44
N ALA B 54 -13.16 -5.38 -19.56
CA ALA B 54 -12.14 -4.34 -19.53
C ALA B 54 -12.70 -3.05 -18.98
N ALA B 55 -13.91 -2.73 -19.39
CA ALA B 55 -14.54 -1.48 -19.00
C ALA B 55 -14.86 -1.47 -17.50
N VAL B 56 -15.30 -2.61 -16.97
CA VAL B 56 -15.54 -2.71 -15.55
C VAL B 56 -14.25 -2.55 -14.79
N LEU B 57 -13.18 -3.20 -15.25
CA LEU B 57 -11.90 -3.10 -14.56
C LEU B 57 -11.31 -1.70 -14.62
N GLU B 58 -11.53 -1.00 -15.73
CA GLU B 58 -10.99 0.36 -15.89
C GLU B 58 -11.48 1.27 -14.78
N GLN B 59 -12.68 0.98 -14.27
CA GLN B 59 -13.24 1.80 -13.21
C GLN B 59 -12.72 1.47 -11.81
N ALA B 60 -12.08 0.30 -11.68
CA ALA B 60 -11.46 -0.11 -10.42
C ALA B 60 -9.96 0.26 -10.39
N THR B 61 -9.67 1.50 -10.01
CA THR B 61 -8.35 2.08 -10.20
C THR B 61 -7.26 1.49 -9.30
N SER B 62 -7.66 0.85 -8.20
CA SER B 62 -6.70 0.28 -7.28
C SER B 62 -6.22 -1.11 -7.73
N THR B 63 -6.89 -1.66 -8.73
CA THR B 63 -6.52 -3.00 -9.20
C THR B 63 -5.02 -3.11 -9.44
N GLU B 64 -4.45 -4.22 -8.95
CA GLU B 64 -3.05 -4.53 -9.12
C GLU B 64 -2.85 -5.52 -10.25
N TYR B 65 -1.86 -5.21 -11.08
CA TYR B 65 -1.52 -6.01 -12.28
C TYR B 65 -0.09 -6.45 -12.27
N ASP B 66 0.21 -7.49 -13.03
CA ASP B 66 1.60 -7.87 -13.28
C ASP B 66 2.07 -7.44 -14.69
N LYS B 67 3.26 -7.88 -15.07
CA LYS B 67 3.90 -7.49 -16.31
C LYS B 67 3.14 -7.86 -17.59
N ASP B 68 2.24 -8.82 -17.48
CA ASP B 68 1.45 -9.27 -18.63
C ASP B 68 0.10 -8.57 -18.67
N GLY B 69 -0.18 -7.75 -17.67
CA GLY B 69 -1.49 -7.12 -17.58
C GLY B 69 -2.53 -8.03 -16.96
N ASN B 70 -2.08 -9.10 -16.32
CA ASN B 70 -3.00 -10.00 -15.62
C ASN B 70 -3.22 -9.49 -14.21
N ILE B 71 -4.37 -9.84 -13.64
CA ILE B 71 -4.80 -9.26 -12.37
C ILE B 71 -4.16 -10.04 -11.24
N ILE B 72 -3.50 -9.36 -10.32
CA ILE B 72 -2.99 -10.03 -9.12
C ILE B 72 -3.55 -9.48 -7.82
N GLY B 73 -4.35 -8.41 -7.88
CA GLY B 73 -5.03 -8.01 -6.68
C GLY B 73 -6.22 -7.11 -6.90
N TYR B 74 -7.27 -7.45 -6.17
CA TYR B 74 -8.53 -6.74 -6.12
CA TYR B 74 -8.42 -6.57 -5.98
C TYR B 74 -9.12 -7.03 -4.71
N GLY B 75 -8.72 -6.33 -3.66
CA GLY B 75 -9.16 -6.62 -2.30
C GLY B 75 -8.35 -7.79 -1.76
N LEU B 76 -8.50 -8.92 -2.42
CA LEU B 76 -7.65 -10.08 -2.21
C LEU B 76 -6.47 -9.96 -3.15
N THR B 77 -5.27 -10.21 -2.67
CA THR B 77 -4.12 -9.98 -3.51
C THR B 77 -3.02 -11.00 -3.29
N LEU B 78 -2.22 -11.16 -4.35
CA LEU B 78 -1.05 -12.03 -4.30
C LEU B 78 0.20 -11.30 -3.81
N ARG B 79 0.13 -9.98 -3.75
CA ARG B 79 1.22 -9.11 -3.32
C ARG B 79 1.14 -8.85 -1.82
N GLU B 80 2.23 -9.12 -1.09
CA GLU B 80 2.22 -9.05 0.38
C GLU B 80 1.72 -7.71 0.94
N THR B 81 0.87 -7.81 1.96
CA THR B 81 0.35 -6.68 2.73
C THR B 81 0.44 -7.06 4.23
N SER B 82 -0.03 -6.16 5.11
CA SER B 82 -0.11 -6.44 6.56
C SER B 82 -1.22 -7.41 6.96
N TYR B 83 -2.06 -7.85 6.00
CA TYR B 83 -3.21 -8.68 6.32
C TYR B 83 -3.08 -10.03 5.65
N VAL B 84 -2.64 -11.03 6.39
CA VAL B 84 -2.45 -12.35 5.83
C VAL B 84 -3.78 -13.12 5.81
N PHE B 85 -4.04 -13.77 4.67
CA PHE B 85 -5.32 -14.40 4.39
C PHE B 85 -5.01 -15.79 3.84
N GLU B 86 -5.01 -16.78 4.72
CA GLU B 86 -4.56 -18.12 4.35
C GLU B 86 -5.77 -18.98 4.09
N ILE B 87 -5.86 -19.55 2.88
CA ILE B 87 -6.93 -20.48 2.53
C ILE B 87 -6.37 -21.67 1.78
N ASP B 88 -6.82 -22.86 2.20
CA ASP B 88 -6.31 -24.14 1.70
C ASP B 88 -4.81 -24.08 1.43
N ASP B 89 -4.06 -23.88 2.50
CA ASP B 89 -2.59 -23.89 2.45
C ASP B 89 -1.96 -22.96 1.42
N ARG B 90 -2.72 -21.95 0.97
CA ARG B 90 -2.15 -20.87 0.18
C ARG B 90 -2.12 -19.60 1.01
N ARG B 91 -1.00 -18.91 0.99
CA ARG B 91 -0.83 -17.67 1.74
C ARG B 91 -1.10 -16.50 0.84
N LEU B 92 -2.29 -15.91 0.98
CA LEU B 92 -2.68 -14.75 0.19
C LEU B 92 -2.77 -13.57 1.14
N TYR B 93 -3.17 -12.42 0.64
CA TYR B 93 -3.14 -11.18 1.43
C TYR B 93 -4.40 -10.39 1.10
N ALA B 94 -4.73 -9.41 1.93
CA ALA B 94 -5.92 -8.56 1.76
C ALA B 94 -5.52 -7.10 1.94
N TRP B 95 -6.31 -6.20 1.37
CA TRP B 95 -6.00 -4.79 1.40
C TRP B 95 -6.30 -4.14 2.77
N CYS B 96 -7.17 -4.74 3.56
CA CYS B 96 -7.53 -4.19 4.88
C CYS B 96 -8.27 -5.18 5.72
N ALA B 97 -8.52 -4.79 6.96
CA ALA B 97 -9.14 -5.69 7.92
C ALA B 97 -10.55 -6.09 7.50
N LEU B 98 -11.36 -5.14 7.00
CA LEU B 98 -12.72 -5.49 6.65
C LEU B 98 -12.79 -6.47 5.47
N ASP B 99 -11.91 -6.32 4.47
CA ASP B 99 -11.76 -7.29 3.39
C ASP B 99 -11.66 -8.72 3.92
N THR B 100 -10.84 -8.94 4.94
CA THR B 100 -10.66 -10.30 5.41
C THR B 100 -11.91 -10.88 5.99
N LEU B 101 -12.86 -10.02 6.39
CA LEU B 101 -14.08 -10.47 7.06
C LEU B 101 -15.18 -10.73 6.03
N ILE B 102 -15.08 -10.06 4.88
CA ILE B 102 -16.08 -10.16 3.82
C ILE B 102 -15.83 -11.34 2.89
N PHE B 103 -14.58 -11.55 2.49
CA PHE B 103 -14.29 -12.49 1.40
C PHE B 103 -14.68 -13.97 1.63
N PRO B 104 -14.52 -14.52 2.85
CA PRO B 104 -14.84 -15.94 3.03
C PRO B 104 -16.26 -16.30 2.55
N ALA B 105 -17.26 -15.46 2.87
CA ALA B 105 -18.62 -15.77 2.41
C ALA B 105 -18.76 -15.71 0.90
N LEU B 106 -18.03 -14.80 0.25
CA LEU B 106 -18.11 -14.67 -1.22
C LEU B 106 -17.38 -15.79 -1.95
N ILE B 107 -16.27 -16.28 -1.39
CA ILE B 107 -15.50 -17.34 -2.05
C ILE B 107 -15.92 -18.75 -1.55
N GLY B 108 -16.73 -18.81 -0.51
CA GLY B 108 -17.22 -20.07 0.04
C GLY B 108 -16.19 -20.90 0.75
N ARG B 109 -15.20 -20.24 1.36
CA ARG B 109 -14.07 -20.91 2.02
C ARG B 109 -13.84 -20.31 3.38
N THR B 110 -13.17 -21.05 4.26
CA THR B 110 -12.78 -20.51 5.55
C THR B 110 -11.32 -20.07 5.47
N ALA B 111 -11.02 -18.92 6.05
CA ALA B 111 -9.68 -18.36 6.02
C ALA B 111 -9.09 -18.20 7.40
N ARG B 112 -7.78 -18.40 7.50
CA ARG B 112 -7.03 -18.09 8.71
C ARG B 112 -6.35 -16.75 8.49
N VAL B 113 -6.82 -15.76 9.26
CA VAL B 113 -6.42 -14.39 9.06
C VAL B 113 -5.47 -13.97 10.18
N SER B 114 -4.45 -13.20 9.82
CA SER B 114 -3.55 -12.67 10.83
C SER B 114 -2.95 -11.34 10.43
N SER B 115 -2.60 -10.56 11.43
CA SER B 115 -2.06 -9.23 11.25
C SER B 115 -1.36 -8.79 12.52
N HIS B 116 -1.11 -7.49 12.61
CA HIS B 116 -0.65 -6.88 13.86
C HIS B 116 -1.48 -5.66 14.16
N CYS B 117 -1.72 -5.43 15.45
CA CYS B 117 -2.41 -4.25 15.93
C CYS B 117 -1.74 -2.99 15.40
N ALA B 118 -2.54 -2.13 14.79
CA ALA B 118 -2.00 -0.93 14.18
C ALA B 118 -1.50 0.09 15.21
N ALA B 119 -1.95 -0.02 16.45
CA ALA B 119 -1.54 0.93 17.49
C ALA B 119 -0.33 0.46 18.27
N THR B 120 -0.17 -0.85 18.42
CA THR B 120 0.85 -1.38 19.33
C THR B 120 1.74 -2.46 18.74
N GLY B 121 1.36 -2.98 17.58
CA GLY B 121 2.14 -4.00 16.92
C GLY B 121 1.93 -5.40 17.42
N ALA B 122 1.06 -5.57 18.42
CA ALA B 122 0.77 -6.89 18.98
C ALA B 122 0.17 -7.79 17.91
N PRO B 123 0.59 -9.06 17.87
CA PRO B 123 -0.06 -9.96 16.92
C PRO B 123 -1.52 -10.18 17.16
N VAL B 124 -2.28 -10.27 16.07
CA VAL B 124 -3.70 -10.59 16.11
C VAL B 124 -4.01 -11.69 15.10
N SER B 125 -4.95 -12.56 15.45
CA SER B 125 -5.41 -13.56 14.52
C SER B 125 -6.84 -13.99 14.78
N LEU B 126 -7.46 -14.53 13.75
CA LEU B 126 -8.79 -15.12 13.83
C LEU B 126 -9.08 -15.96 12.63
N THR B 127 -10.07 -16.83 12.76
CA THR B 127 -10.56 -17.65 11.68
C THR B 127 -11.88 -17.11 11.20
N VAL B 128 -11.98 -16.89 9.90
CA VAL B 128 -13.16 -16.25 9.32
C VAL B 128 -13.81 -17.26 8.37
N SER B 129 -15.05 -17.64 8.68
CA SER B 129 -15.80 -18.54 7.83
C SER B 129 -16.93 -17.78 7.16
N PRO B 130 -17.67 -18.44 6.28
CA PRO B 130 -18.75 -17.72 5.61
C PRO B 130 -19.83 -17.15 6.57
N SER B 131 -20.02 -17.79 7.72
CA SER B 131 -21.09 -17.43 8.62
C SER B 131 -20.68 -16.83 9.96
N GLU B 132 -19.41 -16.89 10.33
CA GLU B 132 -19.02 -16.40 11.66
C GLU B 132 -17.49 -16.24 11.74
N ILE B 133 -17.01 -15.55 12.78
CA ILE B 133 -15.60 -15.58 13.12
C ILE B 133 -15.41 -16.42 14.36
N GLN B 134 -14.23 -17.06 14.45
CA GLN B 134 -13.90 -17.95 15.53
C GLN B 134 -12.43 -17.72 15.90
N ALA B 135 -12.01 -18.25 17.07
CA ALA B 135 -10.62 -18.22 17.50
C ALA B 135 -10.04 -16.81 17.43
N VAL B 136 -10.84 -15.86 17.91
CA VAL B 136 -10.50 -14.44 17.92
C VAL B 136 -9.45 -14.21 19.01
N GLU B 137 -8.23 -13.90 18.57
CA GLU B 137 -7.06 -13.72 19.46
C GLU B 137 -6.30 -12.40 19.21
N PRO B 138 -6.33 -11.47 20.17
CA PRO B 138 -6.99 -11.47 21.47
C PRO B 138 -8.50 -11.36 21.37
N ALA B 139 -9.22 -11.76 22.40
CA ALA B 139 -10.69 -11.80 22.34
C ALA B 139 -11.30 -10.43 22.09
N GLY B 140 -10.64 -9.39 22.61
CA GLY B 140 -11.16 -8.05 22.57
C GLY B 140 -10.79 -7.28 21.30
N MET B 141 -10.35 -8.01 20.29
CA MET B 141 -9.93 -7.43 19.02
C MET B 141 -10.94 -6.43 18.47
N ALA B 142 -10.40 -5.36 17.90
CA ALA B 142 -11.21 -4.26 17.37
C ALA B 142 -10.80 -3.93 15.93
N VAL B 143 -11.65 -3.15 15.26
CA VAL B 143 -11.44 -2.73 13.88
C VAL B 143 -11.76 -1.25 13.78
N SER B 144 -10.96 -0.52 12.99
CA SER B 144 -11.29 0.86 12.66
C SER B 144 -12.04 0.92 11.35
N LEU B 145 -13.00 1.82 11.31
CA LEU B 145 -13.77 2.11 10.11
C LEU B 145 -13.68 3.59 9.78
N VAL B 146 -13.65 3.90 8.49
CA VAL B 146 -13.88 5.27 8.05
C VAL B 146 -14.98 5.27 7.02
N LEU B 147 -15.54 6.44 6.76
CA LEU B 147 -16.52 6.52 5.68
C LEU B 147 -15.79 6.50 4.35
N PRO B 148 -16.06 5.50 3.50
CA PRO B 148 -15.51 5.51 2.15
C PRO B 148 -15.89 6.80 1.43
N GLN B 149 -14.95 7.40 0.70
CA GLN B 149 -15.18 8.62 -0.09
C GLN B 149 -15.52 8.26 -1.54
N GLU B 150 -16.70 8.65 -1.99
CA GLU B 150 -17.17 8.26 -3.32
C GLU B 150 -16.22 8.77 -4.37
N ALA B 151 -15.89 7.88 -5.29
CA ALA B 151 -15.08 8.18 -6.46
C ALA B 151 -13.59 8.32 -6.13
N ALA B 152 -13.20 8.27 -4.86
CA ALA B 152 -11.78 8.29 -4.50
C ALA B 152 -11.16 6.90 -4.59
N ASP B 153 -9.83 6.87 -4.71
CA ASP B 153 -9.10 5.60 -4.75
C ASP B 153 -9.44 4.85 -3.48
N VAL B 154 -9.94 3.62 -3.60
CA VAL B 154 -10.51 2.95 -2.43
C VAL B 154 -9.39 2.57 -1.48
N ARG B 155 -8.22 2.25 -2.02
CA ARG B 155 -7.19 1.79 -1.14
C ARG B 155 -6.68 2.94 -0.29
N GLN B 156 -6.56 4.13 -0.86
CA GLN B 156 -6.00 5.25 -0.12
C GLN B 156 -7.05 5.94 0.74
N SER B 157 -8.32 5.93 0.33
CA SER B 157 -9.36 6.62 1.09
C SER B 157 -9.99 5.73 2.17
N PHE B 158 -9.99 4.42 1.99
CA PHE B 158 -10.69 3.52 2.91
C PHE B 158 -9.71 2.49 3.49
N CYS B 159 -9.19 1.62 2.64
CA CYS B 159 -8.45 0.44 3.12
C CYS B 159 -7.27 0.77 4.03
N CYS B 160 -6.53 1.82 3.70
N CYS B 160 -6.55 1.84 3.71
CA CYS B 160 -5.34 2.11 4.49
CA CYS B 160 -5.36 2.16 4.48
C CYS B 160 -5.65 2.69 5.87
C CYS B 160 -5.66 2.61 5.90
N HIS B 161 -6.93 2.86 6.20
CA HIS B 161 -7.35 3.33 7.53
C HIS B 161 -8.15 2.29 8.29
N VAL B 162 -8.31 1.10 7.72
CA VAL B 162 -9.19 0.06 8.26
C VAL B 162 -8.30 -1.08 8.74
N HIS B 163 -8.00 -1.02 10.04
CA HIS B 163 -7.00 -1.89 10.67
C HIS B 163 -7.63 -2.81 11.72
N PHE B 164 -6.88 -3.85 12.11
CA PHE B 164 -7.14 -4.56 13.35
C PHE B 164 -6.38 -3.91 14.51
N PHE B 165 -6.96 -3.99 15.71
CA PHE B 165 -6.36 -3.52 16.96
C PHE B 165 -6.53 -4.57 18.05
N ALA B 166 -5.63 -4.56 19.02
CA ALA B 166 -5.65 -5.57 20.07
C ALA B 166 -6.87 -5.46 21.00
N SER B 167 -7.42 -4.25 21.16
CA SER B 167 -8.57 -4.06 22.04
C SER B 167 -9.31 -2.80 21.62
N VAL B 168 -10.56 -2.70 22.03
CA VAL B 168 -11.33 -1.52 21.73
C VAL B 168 -10.74 -0.27 22.43
N PRO B 169 -10.37 -0.33 23.74
CA PRO B 169 -9.78 0.91 24.29
C PRO B 169 -8.45 1.32 23.63
N THR B 170 -7.64 0.35 23.23
CA THR B 170 -6.39 0.62 22.55
C THR B 170 -6.69 1.34 21.24
N ALA B 171 -7.69 0.82 20.54
CA ALA B 171 -8.13 1.40 19.29
C ALA B 171 -8.73 2.80 19.47
N GLU B 172 -9.46 3.03 20.56
CA GLU B 172 -10.06 4.33 20.79
C GLU B 172 -9.02 5.38 21.12
N ASP B 173 -7.96 4.97 21.80
CA ASP B 173 -6.85 5.88 22.04
C ASP B 173 -6.17 6.26 20.73
N TRP B 174 -5.96 5.27 19.88
CA TRP B 174 -5.38 5.54 18.57
C TRP B 174 -6.28 6.50 17.81
N ALA B 175 -7.60 6.29 17.89
CA ALA B 175 -8.51 7.08 17.07
C ALA B 175 -8.55 8.53 17.53
N SER B 176 -8.29 8.76 18.81
CA SER B 176 -8.29 10.12 19.37
C SER B 176 -7.19 10.99 18.76
N LYS B 177 -6.14 10.38 18.21
CA LYS B 177 -5.10 11.14 17.51
C LYS B 177 -5.33 11.26 15.99
N HIS B 178 -6.41 10.70 15.48
CA HIS B 178 -6.71 10.71 14.06
C HIS B 178 -8.11 11.22 13.71
N GLN B 179 -8.57 12.25 14.41
CA GLN B 179 -9.94 12.72 14.23
C GLN B 179 -10.15 13.48 12.91
N GLY B 180 -9.09 13.71 12.15
CA GLY B 180 -9.22 14.27 10.82
C GLY B 180 -9.76 13.29 9.77
N LEU B 181 -9.87 12.01 10.11
CA LEU B 181 -10.41 11.01 9.18
C LEU B 181 -11.95 11.01 9.21
N GLU B 182 -12.60 11.20 8.06
CA GLU B 182 -14.05 11.33 8.08
C GLU B 182 -14.76 10.04 8.50
N GLY B 183 -15.64 10.17 9.49
CA GLY B 183 -16.43 9.04 9.95
C GLY B 183 -15.64 8.01 10.71
N LEU B 184 -14.46 8.37 11.22
CA LEU B 184 -13.64 7.39 11.94
C LEU B 184 -14.41 6.87 13.14
N ALA B 185 -14.50 5.55 13.23
CA ALA B 185 -15.20 4.87 14.31
C ALA B 185 -14.49 3.57 14.62
N ILE B 186 -14.56 3.17 15.89
CA ILE B 186 -13.98 1.92 16.34
C ILE B 186 -15.12 1.00 16.68
N VAL B 187 -15.05 -0.22 16.17
CA VAL B 187 -16.01 -1.26 16.49
C VAL B 187 -15.29 -2.53 16.89
N SER B 188 -15.99 -3.43 17.57
CA SER B 188 -15.44 -4.75 17.88
C SER B 188 -15.34 -5.53 16.58
N VAL B 189 -14.48 -6.54 16.53
CA VAL B 189 -14.37 -7.34 15.33
C VAL B 189 -15.67 -8.11 15.01
N HIS B 190 -16.47 -8.48 16.01
CA HIS B 190 -17.76 -9.12 15.73
CA HIS B 190 -17.79 -9.09 15.77
C HIS B 190 -18.72 -8.13 15.05
N GLU B 191 -18.71 -6.88 15.49
CA GLU B 191 -19.55 -5.85 14.87
C GLU B 191 -19.08 -5.61 13.43
N ALA B 192 -17.76 -5.62 13.22
CA ALA B 192 -17.24 -5.42 11.89
C ALA B 192 -17.60 -6.61 10.97
N PHE B 193 -17.63 -7.83 11.52
CA PHE B 193 -18.02 -8.98 10.72
C PHE B 193 -19.48 -8.84 10.29
N GLY B 194 -20.31 -8.29 11.18
CA GLY B 194 -21.71 -8.01 10.91
C GLY B 194 -21.93 -6.99 9.80
N LEU B 195 -21.10 -5.96 9.79
CA LEU B 195 -21.09 -5.00 8.70
C LEU B 195 -20.84 -5.74 7.39
N GLY B 196 -19.86 -6.64 7.39
CA GLY B 196 -19.49 -7.36 6.18
C GLY B 196 -20.62 -8.24 5.71
N GLN B 197 -21.33 -8.85 6.66
CA GLN B 197 -22.46 -9.68 6.30
C GLN B 197 -23.55 -8.85 5.64
N GLU B 198 -23.80 -7.66 6.16
CA GLU B 198 -24.80 -6.78 5.55
C GLU B 198 -24.39 -6.33 4.18
N PHE B 199 -23.12 -5.97 4.04
CA PHE B 199 -22.57 -5.67 2.74
C PHE B 199 -22.85 -6.82 1.76
N ASN B 200 -22.47 -8.02 2.14
CA ASN B 200 -22.65 -9.17 1.26
C ASN B 200 -24.11 -9.45 0.96
N ARG B 201 -24.99 -9.30 1.95
CA ARG B 201 -26.42 -9.54 1.74
C ARG B 201 -26.93 -8.58 0.66
N HIS B 202 -26.54 -7.32 0.74
CA HIS B 202 -27.02 -6.36 -0.25
C HIS B 202 -26.34 -6.56 -1.60
N LEU B 203 -25.04 -6.86 -1.61
CA LEU B 203 -24.30 -7.09 -2.84
C LEU B 203 -24.97 -8.20 -3.66
N LEU B 204 -25.30 -9.31 -3.00
CA LEU B 204 -25.84 -10.47 -3.70
C LEU B 204 -27.23 -10.20 -4.29
N GLN B 205 -28.03 -9.36 -3.66
CA GLN B 205 -29.33 -8.96 -4.25
C GLN B 205 -29.26 -8.28 -5.60
N THR B 206 -28.10 -7.71 -5.91
CA THR B 206 -27.91 -6.89 -7.09
C THR B 206 -27.15 -7.58 -8.21
N MET B 207 -26.79 -8.84 -8.01
CA MET B 207 -26.11 -9.61 -9.05
C MET B 207 -27.17 -10.20 -9.99
N SER B 208 -26.73 -10.82 -11.08
CA SER B 208 -27.65 -11.41 -12.04
C SER B 208 -28.10 -12.79 -11.60
#